data_6ZNV
#
_entry.id   6ZNV
#
_cell.length_a   83.706
_cell.length_b   50.370
_cell.length_c   33.582
_cell.angle_alpha   90.000
_cell.angle_beta   97.429
_cell.angle_gamma   90.000
#
_symmetry.space_group_name_H-M   'C 1 2 1'
#
loop_
_entity.id
_entity.type
_entity.pdbx_description
1 polymer 'Protein polybromo-1'
2 non-polymer 1-[3-azanyl-6-(2-hydroxyphenyl)pyridazin-4-yl]piperidin-4-ol
3 non-polymer 'ZINC ION'
4 non-polymer 1,2-ETHANEDIOL
5 non-polymer 'CHLORIDE ION'
6 non-polymer 'ACETATE ION'
7 water water
#
_entity_poly.entity_id   1
_entity_poly.type   'polypeptide(L)'
_entity_poly.pdbx_seq_one_letter_code
;SMSPAYLKEILEQLLEAIVVATNPSGRLISELFQKLPSKVQYPDYYAIIKEPIDLKTIAQRIQNGSYKSIHAMAKDIDLL
AKNAKTYNEPGSQVFKDANSIKKIFYMKKAEIEHHE
;
_entity_poly.pdbx_strand_id   A
#
loop_
_chem_comp.id
_chem_comp.type
_chem_comp.name
_chem_comp.formula
ACT non-polymer 'ACETATE ION' 'C2 H3 O2 -1'
CL non-polymer 'CHLORIDE ION' 'Cl -1'
EDO non-polymer 1,2-ETHANEDIOL 'C2 H6 O2'
QMW non-polymer 1-[3-azanyl-6-(2-hydroxyphenyl)pyridazin-4-yl]piperidin-4-ol 'C15 H18 N4 O2'
ZN non-polymer 'ZINC ION' 'Zn 2'
#
# COMPACT_ATOMS: atom_id res chain seq x y z
N MET A 2 -2.91 -21.75 -6.00
CA MET A 2 -2.81 -21.51 -4.58
C MET A 2 -4.17 -21.61 -3.92
N SER A 3 -4.23 -22.24 -2.75
CA SER A 3 -5.44 -22.21 -1.96
C SER A 3 -5.65 -20.81 -1.40
N PRO A 4 -6.89 -20.47 -1.04
CA PRO A 4 -7.11 -19.17 -0.40
C PRO A 4 -6.26 -18.98 0.85
N ALA A 5 -6.07 -20.04 1.65
CA ALA A 5 -5.27 -19.89 2.87
C ALA A 5 -3.80 -19.63 2.55
N TYR A 6 -3.26 -20.30 1.53
CA TYR A 6 -1.87 -20.06 1.17
C TYR A 6 -1.69 -18.66 0.61
N LEU A 7 -2.60 -18.23 -0.27
CA LEU A 7 -2.54 -16.87 -0.80
C LEU A 7 -2.58 -15.85 0.32
N LYS A 8 -3.46 -16.05 1.30
CA LYS A 8 -3.59 -15.08 2.38
C LYS A 8 -2.27 -14.88 3.11
N GLU A 9 -1.54 -15.97 3.37
CA GLU A 9 -0.26 -15.85 4.06
C GLU A 9 0.72 -15.00 3.27
N ILE A 10 0.73 -15.16 1.94
CA ILE A 10 1.62 -14.36 1.11
C ILE A 10 1.21 -12.89 1.17
N LEU A 11 -0.08 -12.62 1.05
CA LEU A 11 -0.54 -11.23 1.07
C LEU A 11 -0.24 -10.58 2.41
N GLU A 12 -0.41 -11.32 3.50
CA GLU A 12 -0.06 -10.80 4.82
C GLU A 12 1.42 -10.46 4.91
N GLN A 13 2.29 -11.32 4.36
CA GLN A 13 3.74 -11.04 4.37
C GLN A 13 4.09 -9.82 3.55
N LEU A 14 3.40 -9.63 2.42
CA LEU A 14 3.63 -8.44 1.61
C LEU A 14 3.22 -7.18 2.35
N LEU A 15 2.04 -7.20 2.98
CA LEU A 15 1.60 -6.03 3.71
C LEU A 15 2.52 -5.74 4.89
N GLU A 16 2.96 -6.80 5.59
CA GLU A 16 3.87 -6.62 6.73
C GLU A 16 5.16 -5.94 6.29
N ALA A 17 5.71 -6.35 5.15
CA ALA A 17 6.94 -5.71 4.66
C ALA A 17 6.75 -4.21 4.48
N ILE A 18 5.58 -3.80 3.99
CA ILE A 18 5.29 -2.38 3.86
C ILE A 18 5.21 -1.71 5.22
N VAL A 19 4.45 -2.30 6.15
CA VAL A 19 4.14 -1.61 7.40
C VAL A 19 5.33 -1.55 8.36
N VAL A 20 6.33 -2.43 8.22
CA VAL A 20 7.49 -2.35 9.11
C VAL A 20 8.64 -1.56 8.52
N ALA A 21 8.56 -1.17 7.26
CA ALA A 21 9.68 -0.54 6.59
C ALA A 21 10.02 0.82 7.21
N THR A 22 11.30 1.06 7.45
CA THR A 22 11.77 2.33 7.96
C THR A 22 12.86 2.87 7.03
N ASN A 23 13.02 4.18 7.04
CA ASN A 23 14.16 4.81 6.37
C ASN A 23 15.36 4.81 7.30
N PRO A 24 16.53 5.21 6.80
CA PRO A 24 17.72 5.23 7.67
C PRO A 24 17.52 5.98 8.97
N SER A 25 16.69 7.02 8.97
CA SER A 25 16.42 7.80 10.18
C SER A 25 15.46 7.12 11.15
N GLY A 26 14.87 5.98 10.77
CA GLY A 26 14.02 5.22 11.65
C GLY A 26 12.54 5.49 11.54
N ARG A 27 12.12 6.39 10.65
CA ARG A 27 10.71 6.71 10.50
C ARG A 27 10.00 5.59 9.74
N LEU A 28 8.80 5.23 10.22
CA LEU A 28 7.97 4.23 9.56
C LEU A 28 7.32 4.90 8.35
N ILE A 29 7.83 4.59 7.16
CA ILE A 29 7.37 5.29 5.97
C ILE A 29 5.91 5.02 5.62
N SER A 30 5.34 3.92 6.11
CA SER A 30 3.95 3.57 5.81
C SER A 30 2.94 4.33 6.66
N GLU A 31 3.36 5.02 7.71
CA GLU A 31 2.44 5.51 8.73
C GLU A 31 1.32 6.35 8.14
N LEU A 32 1.67 7.31 7.29
CA LEU A 32 0.69 8.24 6.75
C LEU A 32 -0.39 7.54 5.93
N PHE A 33 -0.08 6.39 5.36
CA PHE A 33 -0.96 5.72 4.42
C PHE A 33 -1.89 4.72 5.07
N GLN A 34 -1.83 4.58 6.40
CA GLN A 34 -2.70 3.60 7.06
C GLN A 34 -4.17 3.98 6.91
N LYS A 35 -4.49 5.25 7.11
CA LYS A 35 -5.88 5.70 7.12
C LYS A 35 -6.03 6.95 6.27
N LEU A 36 -7.02 6.93 5.38
CA LEU A 36 -7.35 8.08 4.54
C LEU A 36 -7.57 9.33 5.37
N PRO A 37 -7.26 10.51 4.82
CA PRO A 37 -7.49 11.74 5.57
C PRO A 37 -8.97 12.02 5.77
N SER A 38 -9.26 12.77 6.83
CA SER A 38 -10.63 13.14 7.14
C SER A 38 -11.29 13.86 5.97
N LYS A 39 -12.50 13.43 5.63
CA LYS A 39 -13.28 14.15 4.62
C LYS A 39 -13.67 15.54 5.10
N VAL A 40 -13.77 15.72 6.42
CA VAL A 40 -14.10 17.03 6.97
C VAL A 40 -12.91 17.97 6.84
N GLN A 41 -11.72 17.51 7.25
CA GLN A 41 -10.57 18.41 7.27
C GLN A 41 -9.84 18.49 5.95
N TYR A 42 -9.96 17.47 5.10
CA TYR A 42 -9.23 17.41 3.82
C TYR A 42 -10.20 17.13 2.67
N PRO A 43 -11.19 18.01 2.47
CA PRO A 43 -12.17 17.77 1.41
C PRO A 43 -11.59 17.78 0.01
N ASP A 44 -10.53 18.56 -0.25
CA ASP A 44 -9.93 18.56 -1.59
C ASP A 44 -9.50 17.18 -1.99
N TYR A 45 -9.04 16.36 -1.03
CA TYR A 45 -8.56 15.03 -1.37
C TYR A 45 -9.63 14.25 -2.11
N TYR A 46 -10.86 14.35 -1.65
CA TYR A 46 -11.97 13.60 -2.22
C TYR A 46 -12.54 14.26 -3.48
N ALA A 47 -12.26 15.54 -3.69
CA ALA A 47 -12.58 16.18 -4.95
C ALA A 47 -11.64 15.73 -6.05
N ILE A 48 -10.37 15.47 -5.70
CA ILE A 48 -9.33 15.15 -6.66
C ILE A 48 -9.22 13.64 -6.89
N ILE A 49 -9.29 12.86 -5.82
CA ILE A 49 -9.01 11.42 -5.87
C ILE A 49 -10.32 10.69 -6.00
N LYS A 50 -10.56 10.08 -7.16
CA LYS A 50 -11.85 9.48 -7.44
C LYS A 50 -12.04 8.11 -6.78
N GLU A 51 -10.96 7.40 -6.48
CA GLU A 51 -11.04 6.07 -5.85
C GLU A 51 -10.09 6.01 -4.66
N PRO A 52 -10.44 6.66 -3.56
CA PRO A 52 -9.55 6.65 -2.39
C PRO A 52 -9.36 5.25 -1.82
N ILE A 53 -8.16 5.00 -1.31
CA ILE A 53 -7.82 3.71 -0.72
C ILE A 53 -6.70 3.93 0.29
N ASP A 54 -6.65 3.10 1.33
CA ASP A 54 -5.60 3.17 2.33
C ASP A 54 -5.15 1.75 2.70
N LEU A 55 -4.10 1.68 3.52
CA LEU A 55 -3.59 0.37 3.92
C LEU A 55 -4.57 -0.37 4.82
N LYS A 56 -5.37 0.35 5.62
CA LYS A 56 -6.37 -0.33 6.43
C LYS A 56 -7.39 -1.04 5.56
N THR A 57 -7.78 -0.42 4.43
CA THR A 57 -8.72 -1.05 3.51
C THR A 57 -8.10 -2.28 2.86
N ILE A 58 -6.84 -2.19 2.44
CA ILE A 58 -6.17 -3.33 1.85
C ILE A 58 -6.06 -4.47 2.86
N ALA A 59 -5.74 -4.15 4.12
CA ALA A 59 -5.69 -5.18 5.16
C ALA A 59 -7.03 -5.85 5.33
N GLN A 60 -8.12 -5.08 5.30
CA GLN A 60 -9.44 -5.69 5.45
C GLN A 60 -9.77 -6.57 4.27
N ARG A 61 -9.38 -6.15 3.06
CA ARG A 61 -9.60 -6.98 1.88
C ARG A 61 -8.84 -8.31 1.98
N ILE A 62 -7.64 -8.28 2.55
CA ILE A 62 -6.91 -9.53 2.82
C ILE A 62 -7.70 -10.42 3.77
N GLN A 63 -8.25 -9.84 4.83
CA GLN A 63 -9.02 -10.63 5.78
C GLN A 63 -10.30 -11.16 5.18
N ASN A 64 -10.92 -10.39 4.28
CA ASN A 64 -12.18 -10.78 3.64
C ASN A 64 -11.99 -11.78 2.53
N GLY A 65 -10.76 -12.06 2.12
CA GLY A 65 -10.53 -12.94 0.99
C GLY A 65 -10.89 -12.32 -0.35
N SER A 66 -10.98 -10.99 -0.42
CA SER A 66 -11.43 -10.32 -1.64
C SER A 66 -10.43 -10.43 -2.77
N TYR A 67 -9.14 -10.52 -2.43
CA TYR A 67 -8.13 -10.66 -3.47
C TYR A 67 -8.00 -12.13 -3.84
N LYS A 68 -8.10 -12.43 -5.13
CA LYS A 68 -7.96 -13.80 -5.60
C LYS A 68 -6.59 -14.06 -6.19
N SER A 69 -5.69 -13.08 -6.14
CA SER A 69 -4.35 -13.21 -6.67
C SER A 69 -3.49 -12.18 -5.97
N ILE A 70 -2.17 -12.39 -6.02
CA ILE A 70 -1.25 -11.35 -5.58
C ILE A 70 -1.42 -10.10 -6.44
N HIS A 71 -1.56 -10.30 -7.75
CA HIS A 71 -1.71 -9.18 -8.67
C HIS A 71 -2.84 -8.25 -8.25
N ALA A 72 -3.97 -8.81 -7.78
CA ALA A 72 -5.09 -7.95 -7.38
C ALA A 72 -4.72 -7.04 -6.21
N MET A 73 -3.96 -7.56 -5.24
CA MET A 73 -3.46 -6.67 -4.19
C MET A 73 -2.46 -5.66 -4.74
N ALA A 74 -1.59 -6.11 -5.63
CA ALA A 74 -0.61 -5.22 -6.23
C ALA A 74 -1.27 -4.03 -6.91
N LYS A 75 -2.36 -4.27 -7.63
CA LYS A 75 -3.04 -3.17 -8.29
C LYS A 75 -3.61 -2.18 -7.29
N ASP A 76 -4.04 -2.66 -6.12
CA ASP A 76 -4.52 -1.75 -5.08
C ASP A 76 -3.39 -0.95 -4.46
N ILE A 77 -2.22 -1.58 -4.29
CA ILE A 77 -1.02 -0.85 -3.85
C ILE A 77 -0.66 0.22 -4.87
N ASP A 78 -0.70 -0.13 -6.16
CA ASP A 78 -0.39 0.85 -7.20
C ASP A 78 -1.34 2.03 -7.13
N LEU A 79 -2.63 1.76 -6.90
CA LEU A 79 -3.63 2.81 -6.85
C LEU A 79 -3.39 3.74 -5.66
N LEU A 80 -3.09 3.15 -4.50
CA LEU A 80 -2.74 3.96 -3.32
C LEU A 80 -1.61 4.92 -3.65
N ALA A 81 -0.53 4.39 -4.26
CA ALA A 81 0.62 5.22 -4.57
C ALA A 81 0.28 6.27 -5.61
N LYS A 82 -0.48 5.89 -6.65
CA LYS A 82 -0.84 6.85 -7.68
C LYS A 82 -1.68 7.98 -7.09
N ASN A 83 -2.63 7.64 -6.22
CA ASN A 83 -3.43 8.67 -5.55
C ASN A 83 -2.55 9.63 -4.77
N ALA A 84 -1.62 9.08 -3.97
CA ALA A 84 -0.75 9.93 -3.18
C ALA A 84 0.13 10.81 -4.07
N LYS A 85 0.61 10.25 -5.18
CA LYS A 85 1.44 11.01 -6.10
C LYS A 85 0.65 11.99 -6.95
N THR A 86 -0.68 11.90 -6.96
CA THR A 86 -1.53 12.88 -7.62
C THR A 86 -1.84 14.05 -6.70
N TYR A 87 -2.08 13.75 -5.42
CA TYR A 87 -2.45 14.79 -4.46
C TYR A 87 -1.25 15.58 -3.98
N ASN A 88 -0.07 14.96 -3.95
CA ASN A 88 1.11 15.57 -3.36
C ASN A 88 2.13 15.93 -4.44
N GLU A 89 2.89 16.99 -4.18
CA GLU A 89 3.83 17.48 -5.18
C GLU A 89 5.02 16.52 -5.30
N PRO A 90 5.56 16.35 -6.51
CA PRO A 90 6.76 15.52 -6.66
C PRO A 90 7.86 16.02 -5.75
N GLY A 91 8.67 15.09 -5.26
CA GLY A 91 9.73 15.43 -4.33
C GLY A 91 9.25 15.79 -2.93
N SER A 92 7.94 15.90 -2.71
CA SER A 92 7.44 16.00 -1.35
C SER A 92 7.66 14.67 -0.64
N GLN A 93 7.67 14.72 0.69
CA GLN A 93 7.92 13.50 1.47
C GLN A 93 6.87 12.44 1.20
N VAL A 94 5.59 12.83 1.12
CA VAL A 94 4.54 11.85 0.88
C VAL A 94 4.70 11.21 -0.49
N PHE A 95 5.02 12.02 -1.51
CA PHE A 95 5.24 11.50 -2.85
C PHE A 95 6.36 10.47 -2.84
N LYS A 96 7.48 10.81 -2.19
CA LYS A 96 8.61 9.88 -2.12
C LYS A 96 8.25 8.61 -1.37
N ASP A 97 7.53 8.74 -0.25
CA ASP A 97 7.17 7.57 0.54
C ASP A 97 6.24 6.66 -0.24
N ALA A 98 5.36 7.23 -1.06
CA ALA A 98 4.47 6.42 -1.88
C ALA A 98 5.26 5.55 -2.85
N ASN A 99 6.26 6.14 -3.51
CA ASN A 99 7.12 5.34 -4.37
C ASN A 99 7.88 4.29 -3.56
N SER A 100 8.31 4.65 -2.34
CA SER A 100 9.04 3.69 -1.53
C SER A 100 8.17 2.50 -1.15
N ILE A 101 6.89 2.72 -0.85
CA ILE A 101 5.99 1.62 -0.55
C ILE A 101 5.90 0.65 -1.72
N LYS A 102 5.76 1.20 -2.94
CA LYS A 102 5.71 0.34 -4.12
C LYS A 102 6.99 -0.45 -4.26
N LYS A 103 8.14 0.21 -4.11
CA LYS A 103 9.41 -0.48 -4.29
C LYS A 103 9.55 -1.63 -3.29
N ILE A 104 9.16 -1.38 -2.04
CA ILE A 104 9.22 -2.41 -1.00
C ILE A 104 8.33 -3.58 -1.36
N PHE A 105 7.09 -3.28 -1.76
CA PHE A 105 6.13 -4.32 -2.11
C PHE A 105 6.66 -5.20 -3.23
N TYR A 106 7.14 -4.60 -4.31
CA TYR A 106 7.55 -5.39 -5.48
C TYR A 106 8.87 -6.15 -5.21
N MET A 107 9.76 -5.57 -4.41
CA MET A 107 10.95 -6.30 -3.99
C MET A 107 10.57 -7.54 -3.19
N LYS A 108 9.67 -7.37 -2.21
CA LYS A 108 9.26 -8.49 -1.38
C LYS A 108 8.51 -9.54 -2.21
N LYS A 109 7.66 -9.09 -3.14
CA LYS A 109 6.97 -10.03 -4.00
C LYS A 109 7.94 -10.89 -4.80
N ALA A 110 8.97 -10.27 -5.36
CA ALA A 110 9.95 -11.04 -6.11
C ALA A 110 10.69 -12.02 -5.20
N GLU A 111 11.08 -11.57 -4.00
CA GLU A 111 11.79 -12.45 -3.09
C GLU A 111 10.95 -13.68 -2.78
N ILE A 112 9.66 -13.48 -2.54
CA ILE A 112 8.78 -14.60 -2.23
C ILE A 112 8.59 -15.50 -3.45
N GLU A 113 8.24 -14.90 -4.60
CA GLU A 113 7.81 -15.68 -5.75
C GLU A 113 8.97 -16.38 -6.43
N HIS A 114 10.18 -15.85 -6.32
CA HIS A 114 11.31 -16.44 -7.02
C HIS A 114 12.16 -17.34 -6.16
N HIS A 115 11.87 -17.45 -4.86
CA HIS A 115 12.87 -18.06 -4.02
C HIS A 115 12.67 -19.57 -4.23
N GLU A 116 13.76 -20.33 -4.21
CA GLU A 116 13.70 -21.75 -4.54
C GLU A 116 14.69 -22.52 -3.69
C1 QMW B . -2.64 10.93 2.04
C2 QMW B . -3.08 9.52 1.93
N3 QMW B . -2.31 13.82 4.35
C4 QMW B . -3.80 7.47 2.99
C5 QMW B . -3.82 6.83 1.78
C6 QMW B . -3.47 7.51 0.63
C7 QMW B . -3.12 8.85 0.70
C9 QMW B . -2.24 12.96 3.22
C10 QMW B . -2.56 13.22 5.66
C12 QMW B . -2.88 15.50 6.62
C13 QMW B . -2.69 16.08 5.24
C14 QMW B . -3.09 15.05 4.18
N QMW B . -1.06 14.65 1.96
C QMW B . -1.63 13.45 2.05
O QMW B . -2.81 9.52 -0.45
C11 QMW B . -2.16 14.18 6.77
C3 QMW B . -3.44 8.80 3.07
C8 QMW B . -2.75 11.66 3.22
N1 QMW B . -1.58 12.70 0.94
N2 QMW B . -2.08 11.45 0.94
O1 QMW B . -2.42 16.43 7.60
ZN ZN C . 0.65 -7.89 -11.74
ZN ZN D . 13.79 -21.00 -1.29
C1 EDO E . -15.03 22.71 5.11
O1 EDO E . -15.40 22.28 3.80
C2 EDO E . -14.82 21.47 5.96
O2 EDO E . -15.45 20.35 5.33
H11 EDO E . -14.10 23.30 5.06
H12 EDO E . -15.80 23.35 5.54
HO1 EDO E . -15.70 23.05 3.28
H21 EDO E . -13.75 21.28 6.10
H22 EDO E . -15.26 21.63 6.96
HO2 EDO E . -14.89 20.04 4.60
CL CL F . 1.48 -8.44 -9.69
C ACT G . 6.91 -15.00 -11.15
O ACT G . 7.57 -15.89 -10.60
OXT ACT G . 7.25 -14.03 -11.80
CH3 ACT G . 5.40 -15.08 -11.01
H1 ACT G . 5.13 -14.72 -10.15
H2 ACT G . 5.11 -16.00 -11.10
H3 ACT G . 4.99 -14.55 -11.71
#